data_7U4K
#
_entry.id   7U4K
#
_cell.length_a   82.565
_cell.length_b   69.304
_cell.length_c   32.983
_cell.angle_alpha   90.000
_cell.angle_beta   102.500
_cell.angle_gamma   90.000
#
_symmetry.space_group_name_H-M   'C 1 2 1'
#
loop_
_entity.id
_entity.type
_entity.pdbx_description
1 polymer 'Phospholipid hydroperoxide glutathione peroxidase'
2 non-polymer 2-chloro-N-(3-chloro-4-methoxyphenyl)-N-[(1R)-2-oxo-2-[(2-phenylethyl)amino]-1-(thiophen-2-yl)ethyl]acetamide
3 non-polymer 1,2-ETHANEDIOL
4 water water
#
_entity_poly.entity_id   1
_entity_poly.type   'polypeptide(L)'
_entity_poly.pdbx_seq_one_letter_code
;MGSSHHHHHHSSGLVPRGSHMLEAASRDDWRCARSMHEFSAKDIDGHMVNLDKYRGFVCIVTNVASQCGKTEVNYTQLVD
LHARYAECGLRILAFPCNQFGKQEPGSNEEIKEFAAGYNVKFDMFSKICVNGDDAHPLWKWMKIQPKGKGILGNAIKWNF
TKFLIDKNGCVVKHYGPMEEPLVIEKDLPHYF
;
_entity_poly.pdbx_strand_id   A
#
# COMPACT_ATOMS: atom_id res chain seq x y z
N ARG A 27 -19.04 -3.72 -4.16
CA ARG A 27 -20.32 -3.71 -3.48
C ARG A 27 -20.43 -2.45 -2.61
N ASP A 28 -20.98 -2.58 -1.41
CA ASP A 28 -21.05 -1.48 -0.47
C ASP A 28 -20.62 -1.86 0.94
N ASP A 29 -20.46 -3.15 1.25
CA ASP A 29 -20.14 -3.55 2.62
C ASP A 29 -18.79 -3.03 3.09
N TRP A 30 -17.89 -2.69 2.16
CA TRP A 30 -16.62 -2.11 2.57
C TRP A 30 -16.80 -0.83 3.38
N ARG A 31 -17.91 -0.11 3.15
CA ARG A 31 -18.13 1.15 3.86
C ARG A 31 -18.23 0.93 5.36
N CYS A 32 -18.73 -0.23 5.78
CA CYS A 32 -19.01 -0.53 7.18
C CYS A 32 -17.81 -1.05 7.93
N ALA A 33 -16.72 -1.40 7.24
CA ALA A 33 -15.55 -1.96 7.90
C ALA A 33 -14.89 -0.93 8.81
N ARG A 34 -14.22 -1.42 9.84
CA ARG A 34 -13.48 -0.54 10.74
C ARG A 34 -12.00 -0.89 10.79
N SER A 35 -11.54 -1.82 9.97
CA SER A 35 -10.15 -2.24 10.02
C SER A 35 -9.73 -2.81 8.67
N MET A 36 -8.45 -2.58 8.32
CA MET A 36 -7.86 -3.26 7.18
C MET A 36 -8.05 -4.76 7.27
N HIS A 37 -8.12 -5.29 8.50
CA HIS A 37 -8.16 -6.73 8.72
C HIS A 37 -9.47 -7.37 8.27
N GLU A 38 -10.48 -6.58 7.92
CA GLU A 38 -11.73 -7.11 7.40
C GLU A 38 -11.68 -7.42 5.91
N PHE A 39 -10.55 -7.16 5.25
CA PHE A 39 -10.44 -7.25 3.80
C PHE A 39 -9.52 -8.38 3.38
N SER A 40 -9.67 -8.77 2.11
CA SER A 40 -8.80 -9.75 1.49
C SER A 40 -8.34 -9.19 0.15
N ALA A 41 -7.21 -9.70 -0.34
CA ALA A 41 -6.68 -9.24 -1.63
C ALA A 41 -5.82 -10.33 -2.24
N LYS A 42 -5.80 -10.39 -3.58
CA LYS A 42 -4.98 -11.37 -4.26
C LYS A 42 -3.52 -10.93 -4.27
N ASP A 43 -2.63 -11.82 -3.85
CA ASP A 43 -1.21 -11.50 -3.94
C ASP A 43 -0.77 -11.55 -5.38
N ILE A 44 0.49 -11.19 -5.63
CA ILE A 44 0.94 -11.03 -7.01
C ILE A 44 1.06 -12.35 -7.75
N ASP A 45 0.98 -13.47 -7.05
CA ASP A 45 0.91 -14.79 -7.67
C ASP A 45 -0.51 -15.27 -7.91
N GLY A 46 -1.51 -14.47 -7.51
CA GLY A 46 -2.89 -14.83 -7.76
C GLY A 46 -3.59 -15.54 -6.62
N HIS A 47 -2.95 -15.68 -5.46
CA HIS A 47 -3.54 -16.37 -4.33
C HIS A 47 -4.19 -15.36 -3.40
N MET A 48 -5.41 -15.67 -2.96
CA MET A 48 -6.11 -14.77 -2.05
C MET A 48 -5.42 -14.73 -0.69
N VAL A 49 -5.22 -13.52 -0.18
CA VAL A 49 -4.62 -13.28 1.13
C VAL A 49 -5.66 -12.60 2.01
N ASN A 50 -5.91 -13.17 3.19
CA ASN A 50 -6.75 -12.51 4.19
C ASN A 50 -5.89 -11.51 4.95
N LEU A 51 -6.27 -10.23 4.90
CA LEU A 51 -5.39 -9.21 5.49
C LEU A 51 -5.42 -9.22 7.02
N ASP A 52 -6.24 -10.04 7.66
CA ASP A 52 -6.15 -10.15 9.11
C ASP A 52 -4.86 -10.80 9.57
N LYS A 53 -4.07 -11.39 8.65
CA LYS A 53 -2.75 -11.86 9.04
C LYS A 53 -1.84 -10.72 9.44
N TYR A 54 -2.20 -9.48 9.12
CA TYR A 54 -1.41 -8.34 9.55
C TYR A 54 -1.83 -7.81 10.91
N ARG A 55 -2.80 -8.45 11.59
CA ARG A 55 -3.15 -8.01 12.93
C ARG A 55 -1.96 -8.17 13.87
N GLY A 56 -1.63 -7.10 14.57
CA GLY A 56 -0.46 -7.07 15.43
C GLY A 56 0.77 -6.48 14.78
N PHE A 57 0.68 -6.09 13.51
CA PHE A 57 1.79 -5.51 12.77
C PHE A 57 1.45 -4.11 12.30
N VAL A 58 2.47 -3.25 12.26
CA VAL A 58 2.35 -1.93 11.67
C VAL A 58 2.62 -2.05 10.17
N CYS A 59 1.75 -1.50 9.34
CA CYS A 59 1.86 -1.70 7.90
C CYS A 59 1.91 -0.37 7.15
N ILE A 60 2.73 -0.35 6.10
CA ILE A 60 2.64 0.67 5.06
C ILE A 60 1.95 0.04 3.87
N VAL A 61 0.87 0.67 3.39
CA VAL A 61 0.13 0.22 2.22
C VAL A 61 0.32 1.28 1.14
N THR A 62 0.75 0.85 -0.04
CA THR A 62 1.11 1.81 -1.09
C THR A 62 0.71 1.28 -2.46
N ASN A 63 0.34 2.20 -3.37
CA ASN A 63 0.10 1.86 -4.76
C ASN A 63 1.38 2.10 -5.53
N VAL A 64 1.82 1.10 -6.29
CA VAL A 64 3.15 1.17 -6.90
C VAL A 64 3.02 1.17 -8.42
N ALA A 65 4.12 1.55 -9.07
CA ALA A 65 4.21 1.59 -10.53
C ALA A 65 5.67 1.41 -10.91
N SER A 66 5.89 0.75 -12.06
CA SER A 66 7.26 0.46 -12.50
C SER A 66 7.85 1.54 -13.40
N GLN A 67 7.03 2.39 -13.99
CA GLN A 67 7.51 3.35 -14.98
C GLN A 67 7.20 4.78 -14.55
N CYS A 68 7.38 5.04 -13.25
CA CYS A 68 7.10 6.33 -12.64
C CYS A 68 8.41 7.07 -12.36
N GLY A 69 8.35 8.41 -12.42
CA GLY A 69 9.54 9.20 -12.14
C GLY A 69 10.08 9.01 -10.74
N LYS A 70 9.29 8.47 -9.83
CA LYS A 70 9.72 8.24 -8.45
C LYS A 70 9.73 6.76 -8.10
N THR A 71 9.74 5.88 -9.10
CA THR A 71 9.79 4.45 -8.86
C THR A 71 11.02 4.05 -8.04
N GLU A 72 12.20 4.55 -8.42
CA GLU A 72 13.41 4.13 -7.73
C GLU A 72 13.44 4.57 -6.28
N VAL A 73 13.15 5.85 -6.01
CA VAL A 73 13.24 6.34 -4.64
C VAL A 73 12.22 5.64 -3.76
N ASN A 74 11.04 5.33 -4.30
CA ASN A 74 10.03 4.69 -3.47
C ASN A 74 10.38 3.23 -3.18
N TYR A 75 10.74 2.47 -4.22
CA TYR A 75 11.09 1.07 -3.98
C TYR A 75 12.31 0.94 -3.08
N THR A 76 13.36 1.73 -3.33
CA THR A 76 14.56 1.53 -2.55
C THR A 76 14.36 1.92 -1.09
N GLN A 77 13.60 2.99 -0.84
CA GLN A 77 13.38 3.41 0.54
C GLN A 77 12.41 2.49 1.27
N LEU A 78 11.44 1.91 0.55
CA LEU A 78 10.55 0.93 1.17
C LEU A 78 11.29 -0.35 1.52
N VAL A 79 12.21 -0.78 0.64
CA VAL A 79 13.04 -1.93 0.95
C VAL A 79 13.91 -1.64 2.16
N ASP A 80 14.45 -0.42 2.24
CA ASP A 80 15.31 -0.05 3.36
C ASP A 80 14.53 -0.02 4.67
N LEU A 81 13.33 0.57 4.67
CA LEU A 81 12.50 0.57 5.87
C LEU A 81 12.19 -0.86 6.31
N HIS A 82 11.79 -1.71 5.35
CA HIS A 82 11.47 -3.09 5.68
C HIS A 82 12.69 -3.82 6.25
N ALA A 83 13.86 -3.63 5.63
CA ALA A 83 15.06 -4.27 6.16
C ALA A 83 15.32 -3.84 7.59
N ARG A 84 15.07 -2.57 7.88
CA ARG A 84 15.42 -2.00 9.18
C ARG A 84 14.40 -2.31 10.26
N TYR A 85 13.12 -2.47 9.91
CA TYR A 85 12.07 -2.54 10.92
C TYR A 85 11.19 -3.78 10.84
N ALA A 86 11.45 -4.72 9.92
CA ALA A 86 10.67 -5.95 9.91
C ALA A 86 10.77 -6.67 11.26
N GLU A 87 11.93 -6.64 11.89
CA GLU A 87 12.08 -7.30 13.19
C GLU A 87 11.29 -6.59 14.29
N CYS A 88 10.89 -5.34 14.08
CA CYS A 88 10.00 -4.63 14.99
C CYS A 88 8.53 -4.86 14.68
N GLY A 89 8.22 -5.50 13.57
CA GLY A 89 6.85 -5.73 13.18
C GLY A 89 6.35 -4.87 12.02
N LEU A 90 7.24 -4.20 11.29
CA LEU A 90 6.81 -3.45 10.12
C LEU A 90 6.57 -4.38 8.95
N ARG A 91 5.44 -4.21 8.27
CA ARG A 91 5.13 -4.94 7.06
C ARG A 91 4.74 -3.95 5.98
N ILE A 92 4.99 -4.32 4.72
CA ILE A 92 4.65 -3.43 3.61
C ILE A 92 3.82 -4.17 2.58
N LEU A 93 2.71 -3.57 2.17
CA LEU A 93 1.78 -4.12 1.20
C LEU A 93 1.80 -3.22 -0.02
N ALA A 94 2.27 -3.75 -1.14
CA ALA A 94 2.42 -2.97 -2.37
C ALA A 94 1.39 -3.42 -3.40
N PHE A 95 0.55 -2.48 -3.84
CA PHE A 95 -0.50 -2.75 -4.83
C PHE A 95 -0.16 -2.09 -6.16
N PRO A 96 0.22 -2.85 -7.19
CA PRO A 96 0.45 -2.24 -8.50
C PRO A 96 -0.83 -1.63 -9.03
N CYS A 97 -0.69 -0.51 -9.73
CA CYS A 97 -1.85 0.20 -10.26
C CYS A 97 -1.43 0.97 -11.50
N ASN A 98 -2.18 0.79 -12.60
CA ASN A 98 -1.87 1.37 -13.90
C ASN A 98 -2.69 2.63 -14.17
N GLN A 99 -3.31 3.23 -13.16
CA GLN A 99 -4.24 4.33 -13.41
C GLN A 99 -3.59 5.70 -13.51
N PHE A 100 -2.26 5.79 -13.42
CA PHE A 100 -1.60 7.08 -13.27
C PHE A 100 -0.50 7.19 -14.32
N GLY A 101 -0.85 7.78 -15.47
CA GLY A 101 0.08 7.85 -16.58
C GLY A 101 0.31 6.55 -17.27
N LYS A 102 -0.54 5.55 -17.01
CA LYS A 102 -0.34 4.18 -17.47
C LYS A 102 1.10 3.74 -17.22
N GLN A 103 1.54 3.93 -15.97
CA GLN A 103 2.93 3.67 -15.62
C GLN A 103 3.12 2.33 -14.91
N GLU A 104 2.11 1.46 -14.96
CA GLU A 104 2.24 0.06 -14.53
C GLU A 104 1.57 -0.85 -15.56
N PRO A 105 2.08 -0.84 -16.80
CA PRO A 105 1.34 -1.51 -17.89
C PRO A 105 1.56 -3.01 -17.96
N GLY A 106 2.53 -3.55 -17.22
CA GLY A 106 2.91 -4.94 -17.38
C GLY A 106 2.04 -5.91 -16.62
N SER A 107 2.27 -7.19 -16.91
CA SER A 107 1.58 -8.27 -16.22
C SER A 107 2.05 -8.40 -14.78
N ASN A 108 1.25 -9.11 -13.98
CA ASN A 108 1.64 -9.37 -12.59
C ASN A 108 2.98 -10.10 -12.53
N GLU A 109 3.21 -11.03 -13.45
CA GLU A 109 4.48 -11.75 -13.45
C GLU A 109 5.65 -10.82 -13.74
N GLU A 110 5.46 -9.88 -14.69
CA GLU A 110 6.51 -8.93 -15.01
C GLU A 110 6.76 -7.98 -13.84
N ILE A 111 5.70 -7.57 -13.14
CA ILE A 111 5.85 -6.66 -12.00
C ILE A 111 6.57 -7.37 -10.85
N LYS A 112 6.23 -8.64 -10.61
CA LYS A 112 6.94 -9.39 -9.58
C LYS A 112 8.44 -9.45 -9.89
N GLU A 113 8.79 -9.73 -11.14
CA GLU A 113 10.19 -9.77 -11.54
C GLU A 113 10.83 -8.40 -11.42
N PHE A 114 10.08 -7.33 -11.71
CA PHE A 114 10.61 -5.99 -11.54
C PHE A 114 10.93 -5.70 -10.07
N ALA A 115 9.98 -6.01 -9.17
CA ALA A 115 10.20 -5.76 -7.76
C ALA A 115 11.37 -6.56 -7.22
N ALA A 116 11.56 -7.79 -7.73
CA ALA A 116 12.70 -8.61 -7.31
C ALA A 116 14.02 -7.90 -7.59
N GLY A 117 14.06 -7.07 -8.64
CA GLY A 117 15.26 -6.33 -8.98
C GLY A 117 15.66 -5.29 -7.96
N TYR A 118 14.72 -4.83 -7.12
CA TYR A 118 15.03 -3.97 -5.99
C TYR A 118 15.23 -4.75 -4.68
N ASN A 119 15.29 -6.07 -4.75
CA ASN A 119 15.47 -6.92 -3.57
C ASN A 119 14.28 -6.79 -2.62
N VAL A 120 13.09 -6.60 -3.19
CA VAL A 120 11.88 -6.50 -2.38
C VAL A 120 11.62 -7.80 -1.67
N LYS A 121 11.46 -7.73 -0.35
CA LYS A 121 11.11 -8.89 0.46
C LYS A 121 9.78 -8.70 1.17
N PHE A 122 9.10 -7.58 0.93
CA PHE A 122 7.78 -7.35 1.47
C PHE A 122 6.72 -7.90 0.51
N ASP A 123 5.46 -7.62 0.77
CA ASP A 123 4.38 -8.35 0.14
C ASP A 123 3.86 -7.61 -1.08
N MET A 124 3.97 -8.25 -2.24
CA MET A 124 3.47 -7.76 -3.51
C MET A 124 2.10 -8.35 -3.81
N PHE A 125 1.20 -7.50 -4.27
CA PHE A 125 -0.16 -7.90 -4.60
C PHE A 125 -0.41 -7.81 -6.10
N SER A 126 -1.49 -8.46 -6.54
CA SER A 126 -1.91 -8.33 -7.94
C SER A 126 -2.34 -6.91 -8.24
N LYS A 127 -2.16 -6.51 -9.50
CA LYS A 127 -2.53 -5.17 -9.94
C LYS A 127 -4.02 -4.90 -9.72
N ILE A 128 -4.33 -3.69 -9.25
CA ILE A 128 -5.70 -3.30 -8.94
C ILE A 128 -5.94 -1.90 -9.49
N CYS A 129 -7.21 -1.47 -9.40
CA CYS A 129 -7.59 -0.06 -9.43
C CYS A 129 -7.68 0.47 -8.01
N VAL A 130 -7.29 1.74 -7.85
CA VAL A 130 -7.44 2.41 -6.56
C VAL A 130 -8.49 3.51 -6.59
N ASN A 131 -8.89 3.96 -7.78
CA ASN A 131 -9.93 4.98 -7.94
C ASN A 131 -11.07 4.45 -8.80
N GLY A 132 -12.24 5.03 -8.61
CA GLY A 132 -13.39 4.69 -9.44
C GLY A 132 -14.19 3.54 -8.89
N ASP A 133 -15.21 3.16 -9.67
CA ASP A 133 -16.17 2.17 -9.22
C ASP A 133 -15.55 0.79 -9.05
N ASP A 134 -14.48 0.49 -9.79
CA ASP A 134 -13.83 -0.82 -9.71
C ASP A 134 -12.61 -0.82 -8.81
N ALA A 135 -12.42 0.22 -8.01
CA ALA A 135 -11.32 0.23 -7.04
C ALA A 135 -11.44 -0.94 -6.08
N HIS A 136 -10.30 -1.49 -5.69
CA HIS A 136 -10.31 -2.56 -4.70
C HIS A 136 -10.97 -2.03 -3.42
N PRO A 137 -11.83 -2.83 -2.79
CA PRO A 137 -12.55 -2.34 -1.60
C PRO A 137 -11.66 -1.86 -0.45
N LEU A 138 -10.48 -2.47 -0.26
CA LEU A 138 -9.57 -1.95 0.77
C LEU A 138 -9.24 -0.48 0.50
N TRP A 139 -9.00 -0.13 -0.76
CA TRP A 139 -8.62 1.22 -1.12
C TRP A 139 -9.81 2.17 -1.03
N LYS A 140 -10.99 1.71 -1.44
CA LYS A 140 -12.19 2.51 -1.19
C LYS A 140 -12.32 2.83 0.30
N TRP A 141 -12.03 1.84 1.15
CA TRP A 141 -12.16 2.02 2.59
C TRP A 141 -11.08 2.95 3.13
N MET A 142 -9.83 2.77 2.71
CA MET A 142 -8.78 3.63 3.26
C MET A 142 -9.06 5.10 2.95
N LYS A 143 -9.57 5.38 1.75
CA LYS A 143 -9.75 6.75 1.31
C LYS A 143 -10.80 7.50 2.13
N ILE A 144 -11.77 6.79 2.73
CA ILE A 144 -12.83 7.46 3.47
C ILE A 144 -12.55 7.54 4.95
N GLN A 145 -11.40 7.05 5.40
CA GLN A 145 -11.06 7.15 6.81
C GLN A 145 -10.92 8.62 7.19
N PRO A 146 -11.06 8.95 8.48
CA PRO A 146 -11.34 10.34 8.83
C PRO A 146 -10.19 11.29 8.55
N LYS A 147 -10.55 12.58 8.51
CA LYS A 147 -9.66 13.74 8.64
C LYS A 147 -8.27 13.53 8.04
N GLY A 148 -7.25 13.49 8.90
CA GLY A 148 -5.89 13.28 8.47
C GLY A 148 -5.50 11.85 8.17
N LYS A 149 -6.41 10.90 8.39
CA LYS A 149 -6.11 9.51 8.08
C LYS A 149 -6.39 9.22 6.60
N GLY A 150 -7.65 9.17 6.21
CA GLY A 150 -8.01 9.06 4.81
C GLY A 150 -7.58 10.29 4.02
N ILE A 151 -7.90 10.27 2.74
CA ILE A 151 -7.49 11.31 1.83
C ILE A 151 -8.65 12.25 1.56
N LEU A 152 -8.38 13.31 0.80
CA LEU A 152 -9.38 14.32 0.45
C LEU A 152 -9.79 14.13 -1.00
N GLY A 153 -11.10 14.16 -1.25
CA GLY A 153 -11.63 14.07 -2.59
C GLY A 153 -11.96 12.68 -3.09
N ASN A 154 -11.66 11.65 -2.29
CA ASN A 154 -11.89 10.24 -2.63
C ASN A 154 -11.09 9.79 -3.86
N ALA A 155 -10.01 10.49 -4.20
CA ALA A 155 -9.16 10.12 -5.31
C ALA A 155 -7.69 10.08 -4.90
N ILE A 156 -7.06 8.92 -5.09
CA ILE A 156 -5.60 8.87 -5.09
C ILE A 156 -5.11 9.70 -6.27
N LYS A 157 -4.08 10.53 -6.04
CA LYS A 157 -3.68 11.51 -7.05
C LYS A 157 -2.69 10.97 -8.07
N TRP A 158 -1.79 10.09 -7.65
CA TRP A 158 -0.70 9.64 -8.51
C TRP A 158 -0.13 8.36 -7.91
N ASN A 159 0.90 7.83 -8.57
CA ASN A 159 1.59 6.66 -8.04
C ASN A 159 2.24 6.95 -6.68
N PHE A 160 2.31 5.90 -5.86
CA PHE A 160 3.07 5.91 -4.60
C PHE A 160 2.47 6.85 -3.56
N THR A 161 1.15 6.80 -3.40
CA THR A 161 0.55 7.27 -2.17
C THR A 161 0.77 6.17 -1.13
N LYS A 162 1.04 6.57 0.12
CA LYS A 162 1.31 5.65 1.21
C LYS A 162 0.33 5.87 2.36
N PHE A 163 -0.16 4.78 2.93
CA PHE A 163 -0.98 4.81 4.13
C PHE A 163 -0.24 4.07 5.22
N LEU A 164 -0.21 4.64 6.43
CA LEU A 164 0.31 3.96 7.60
C LEU A 164 -0.88 3.37 8.35
N ILE A 165 -0.78 2.07 8.63
CA ILE A 165 -1.83 1.29 9.28
C ILE A 165 -1.30 0.82 10.63
N ASP A 166 -2.07 1.05 11.70
CA ASP A 166 -1.61 0.60 13.02
C ASP A 166 -1.90 -0.89 13.21
N LYS A 167 -1.53 -1.39 14.40
CA LYS A 167 -1.60 -2.82 14.70
C LYS A 167 -3.03 -3.32 14.75
N ASN A 168 -4.00 -2.43 14.92
CA ASN A 168 -5.41 -2.78 14.89
C ASN A 168 -6.02 -2.62 13.50
N GLY A 169 -5.20 -2.32 12.48
CA GLY A 169 -5.71 -2.20 11.13
C GLY A 169 -6.36 -0.87 10.81
N CYS A 170 -6.17 0.14 11.66
CA CYS A 170 -6.75 1.45 11.42
C CYS A 170 -5.76 2.36 10.69
N VAL A 171 -6.27 3.20 9.78
CA VAL A 171 -5.43 4.16 9.12
C VAL A 171 -5.04 5.25 10.11
N VAL A 172 -3.75 5.51 10.24
CA VAL A 172 -3.30 6.55 11.17
C VAL A 172 -2.63 7.73 10.47
N LYS A 173 -2.16 7.57 9.24
CA LYS A 173 -1.47 8.64 8.53
C LYS A 173 -1.52 8.32 7.05
N HIS A 174 -1.40 9.36 6.22
CA HIS A 174 -1.18 9.13 4.80
C HIS A 174 -0.09 10.07 4.31
N TYR A 175 0.54 9.69 3.21
CA TYR A 175 1.69 10.40 2.65
C TYR A 175 1.51 10.40 1.14
N GLY A 176 1.65 11.59 0.52
CA GLY A 176 1.34 11.75 -0.88
C GLY A 176 2.42 11.23 -1.80
N PRO A 177 2.10 11.26 -3.10
CA PRO A 177 3.02 10.77 -4.14
C PRO A 177 4.41 11.39 -4.12
N MET A 178 4.56 12.62 -3.62
CA MET A 178 5.87 13.25 -3.66
C MET A 178 6.60 13.16 -2.32
N GLU A 179 6.02 12.50 -1.33
CA GLU A 179 6.66 12.32 -0.04
C GLU A 179 7.45 11.02 -0.05
N GLU A 180 8.76 11.13 0.13
CA GLU A 180 9.62 9.96 0.16
C GLU A 180 9.23 9.04 1.31
N PRO A 181 9.28 7.72 1.11
CA PRO A 181 8.94 6.80 2.22
C PRO A 181 9.73 7.04 3.50
N LEU A 182 10.98 7.52 3.42
CA LEU A 182 11.73 7.74 4.65
C LEU A 182 11.09 8.78 5.57
N VAL A 183 10.22 9.64 5.03
CA VAL A 183 9.53 10.58 5.90
C VAL A 183 8.59 9.86 6.88
N ILE A 184 8.19 8.62 6.56
CA ILE A 184 7.33 7.84 7.45
C ILE A 184 8.06 7.38 8.70
N GLU A 185 9.40 7.28 8.65
CA GLU A 185 10.15 6.69 9.74
C GLU A 185 9.88 7.41 11.06
N LYS A 186 9.73 8.74 11.01
CA LYS A 186 9.52 9.51 12.23
C LYS A 186 8.21 9.18 12.92
N ASP A 187 7.23 8.64 12.18
CA ASP A 187 5.93 8.30 12.75
C ASP A 187 5.89 6.89 13.31
N LEU A 188 6.80 6.01 12.88
CA LEU A 188 6.72 4.60 13.28
C LEU A 188 6.81 4.37 14.79
N PRO A 189 7.63 5.08 15.57
CA PRO A 189 7.76 4.71 16.99
C PRO A 189 6.47 4.79 17.79
N HIS A 190 5.52 5.62 17.38
CA HIS A 190 4.28 5.72 18.12
C HIS A 190 3.35 4.52 17.91
N TYR A 191 3.65 3.62 16.98
CA TYR A 191 2.74 2.54 16.63
C TYR A 191 3.30 1.15 16.80
N PHE A 192 4.62 0.99 16.91
CA PHE A 192 5.19 -0.32 17.14
C PHE A 192 4.73 -0.85 18.49
#